data_4FT9
#
_entry.id   4FT9
#
_cell.length_a   45.169
_cell.length_b   65.802
_cell.length_c   57.959
_cell.angle_alpha   90.000
_cell.angle_beta   93.970
_cell.angle_gamma   90.000
#
_symmetry.space_group_name_H-M   'P 1 21 1'
#
loop_
_entity.id
_entity.type
_entity.pdbx_description
1 polymer 'Serine/threonine-protein kinase Chk1'
2 non-polymer 1-(5-cyanopyrazin-2-yl)-3-isoquinolin-3-ylurea
3 non-polymer 'SULFATE ION'
4 water water
#
_entity_poly.entity_id   1
_entity_poly.type   'polypeptide(L)'
_entity_poly.pdbx_seq_one_letter_code
;AVPFVEDWDLVQTLGEGAYGEVQLAVNRVTEEAVAVKIVDMKRAVDCPENIKKEICINKMLNHENVVKFYGHRREGNIQY
LFLEYCSGGELFDRIEPDIGMPEPDAQRFFHQLMAGVVYLHGIGITHRDIKPENLLLDERDNLKISDFGLATVFRYNNRE
RLLNKMCGTLPYVAPELLKRREFHAEPVDVWSCGIVLTAMLAGELPWDQPSDSCQEYSDWKEKKTYLNPWKKIDSAPLAL
LHKILVENPSARITIPDIKKDRWYNKPLKKGAKRPRVTS
;
_entity_poly.pdbx_strand_id   A
#
loop_
_chem_comp.id
_chem_comp.type
_chem_comp.name
_chem_comp.formula
H4K non-polymer 1-(5-cyanopyrazin-2-yl)-3-isoquinolin-3-ylurea 'C15 H10 N6 O'
SO4 non-polymer 'SULFATE ION' 'O4 S -2'
#
# COMPACT_ATOMS: atom_id res chain seq x y z
N ALA A 1 35.24 10.49 5.82
CA ALA A 1 36.34 11.16 6.53
C ALA A 1 35.99 11.41 8.02
N VAL A 2 34.69 11.68 8.32
CA VAL A 2 34.19 11.95 9.67
C VAL A 2 34.13 10.61 10.43
N PRO A 3 34.86 10.43 11.55
CA PRO A 3 34.76 9.14 12.28
C PRO A 3 33.37 8.90 12.86
N PHE A 4 32.96 7.63 12.92
CA PHE A 4 31.73 7.10 13.53
C PHE A 4 30.41 7.36 12.75
N VAL A 5 30.44 8.04 11.55
CA VAL A 5 29.21 8.34 10.76
C VAL A 5 28.51 7.08 10.25
N GLU A 6 29.25 5.98 10.14
CA GLU A 6 28.68 4.73 9.62
C GLU A 6 28.10 3.88 10.76
N ASP A 7 28.14 4.40 12.00
CA ASP A 7 27.60 3.67 13.14
C ASP A 7 26.15 4.03 13.42
N TRP A 8 25.31 3.00 13.52
CA TRP A 8 23.87 3.12 13.78
C TRP A 8 23.53 2.31 15.01
N ASP A 9 22.84 2.92 15.99
CA ASP A 9 22.37 2.19 17.16
C ASP A 9 20.93 1.73 16.90
N LEU A 10 20.61 0.49 17.23
CA LEU A 10 19.28 -0.08 17.08
C LEU A 10 18.60 0.18 18.39
N VAL A 11 17.63 1.12 18.40
CA VAL A 11 17.01 1.60 19.64
C VAL A 11 15.62 1.02 19.91
N GLN A 12 14.89 0.49 18.89
CA GLN A 12 13.58 -0.11 19.15
C GLN A 12 13.03 -0.91 17.97
N THR A 13 12.26 -1.96 18.30
CA THR A 13 11.58 -2.86 17.35
C THR A 13 10.38 -2.10 16.78
N LEU A 14 10.25 -2.09 15.45
CA LEU A 14 9.16 -1.39 14.78
C LEU A 14 8.11 -2.37 14.26
N GLY A 15 8.57 -3.55 13.86
CA GLY A 15 7.74 -4.62 13.33
C GLY A 15 8.49 -5.95 13.35
N GLU A 16 7.75 -7.05 13.17
CA GLU A 16 8.29 -8.42 13.17
C GLU A 16 7.59 -9.27 12.10
N GLY A 17 8.03 -10.53 11.97
CA GLY A 17 7.48 -11.48 11.01
C GLY A 17 8.54 -12.28 10.28
N GLY A 20 11.86 -12.00 9.84
CA GLY A 20 12.73 -11.34 10.80
C GLY A 20 12.07 -10.18 11.52
N GLU A 21 12.79 -9.05 11.63
CA GLU A 21 12.30 -7.85 12.32
C GLU A 21 12.76 -6.54 11.65
N VAL A 22 12.11 -5.45 12.03
CA VAL A 22 12.40 -4.09 11.57
C VAL A 22 12.77 -3.31 12.81
N GLN A 23 13.98 -2.75 12.84
CA GLN A 23 14.44 -1.95 13.96
C GLN A 23 14.54 -0.48 13.59
N LEU A 24 14.30 0.40 14.58
CA LEU A 24 14.57 1.81 14.41
C LEU A 24 16.07 2.00 14.66
N ALA A 25 16.80 2.50 13.65
CA ALA A 25 18.23 2.76 13.72
C ALA A 25 18.51 4.24 13.74
N VAL A 26 19.34 4.69 14.69
CA VAL A 26 19.68 6.10 14.89
C VAL A 26 21.21 6.25 14.71
N ASN A 27 21.63 7.15 13.81
CA ASN A 27 23.02 7.39 13.51
C ASN A 27 23.74 8.00 14.73
N ARG A 28 24.86 7.39 15.12
CA ARG A 28 25.70 7.77 16.26
C ARG A 28 26.14 9.26 16.21
N VAL A 29 26.42 9.75 15.00
CA VAL A 29 26.92 11.11 14.83
C VAL A 29 25.80 12.10 14.53
N THR A 30 25.01 11.85 13.48
CA THR A 30 24.01 12.80 12.97
C THR A 30 22.64 12.69 13.63
N GLU A 31 22.34 11.55 14.27
CA GLU A 31 21.05 11.20 14.89
C GLU A 31 19.93 11.04 13.82
N GLU A 32 20.33 10.84 12.55
CA GLU A 32 19.38 10.56 11.47
C GLU A 32 18.70 9.20 11.79
N ALA A 33 17.38 9.12 11.65
CA ALA A 33 16.63 7.91 11.91
C ALA A 33 16.26 7.19 10.61
N VAL A 34 16.58 5.91 10.55
CA VAL A 34 16.23 5.03 9.44
C VAL A 34 15.62 3.75 10.02
N ALA A 35 14.94 2.98 9.16
CA ALA A 35 14.41 1.67 9.50
C ALA A 35 15.36 0.60 8.94
N VAL A 36 15.80 -0.31 9.80
CA VAL A 36 16.70 -1.39 9.36
C VAL A 36 15.92 -2.69 9.42
N LYS A 37 15.73 -3.32 8.25
CA LYS A 37 15.04 -4.60 8.11
C LYS A 37 16.10 -5.68 8.18
N ILE A 38 15.98 -6.55 9.22
CA ILE A 38 16.94 -7.62 9.50
C ILE A 38 16.35 -8.95 9.02
N VAL A 39 16.98 -9.54 7.97
CA VAL A 39 16.52 -10.78 7.34
C VAL A 39 17.59 -11.89 7.54
N ASP A 40 17.24 -12.89 8.36
CA ASP A 40 18.09 -14.03 8.69
C ASP A 40 17.84 -15.13 7.65
N MET A 41 18.67 -15.16 6.58
CA MET A 41 18.50 -16.13 5.50
C MET A 41 19.29 -17.41 5.78
N GLU A 49 17.41 -15.61 -2.71
CA GLU A 49 16.53 -15.37 -3.86
C GLU A 49 15.32 -14.50 -3.49
N ASN A 50 14.80 -14.66 -2.27
CA ASN A 50 13.64 -13.91 -1.78
C ASN A 50 14.05 -12.47 -1.42
N ILE A 51 15.09 -12.33 -0.59
CA ILE A 51 15.59 -11.00 -0.21
C ILE A 51 16.40 -10.37 -1.40
N LYS A 52 17.03 -11.22 -2.26
CA LYS A 52 17.80 -10.76 -3.42
C LYS A 52 16.90 -9.99 -4.40
N LYS A 53 15.66 -10.48 -4.60
CA LYS A 53 14.67 -9.84 -5.47
C LYS A 53 14.10 -8.55 -4.82
N GLU A 54 13.93 -8.55 -3.47
CA GLU A 54 13.43 -7.38 -2.73
C GLU A 54 14.44 -6.22 -2.80
N ILE A 55 15.75 -6.53 -2.74
CA ILE A 55 16.84 -5.56 -2.82
C ILE A 55 16.90 -5.00 -4.25
N CYS A 56 16.83 -5.90 -5.27
CA CYS A 56 16.90 -5.51 -6.68
CA CYS A 56 16.84 -5.59 -6.71
C CYS A 56 15.70 -4.65 -7.07
N ILE A 57 14.49 -4.92 -6.51
CA ILE A 57 13.35 -4.07 -6.80
C ILE A 57 13.49 -2.75 -6.03
N ASN A 58 13.96 -2.79 -4.77
CA ASN A 58 14.11 -1.57 -3.95
C ASN A 58 15.08 -0.53 -4.57
N LYS A 59 16.15 -1.01 -5.27
CA LYS A 59 17.14 -0.17 -5.97
C LYS A 59 16.52 0.58 -7.18
N MET A 60 15.35 0.13 -7.66
CA MET A 60 14.65 0.77 -8.78
C MET A 60 13.73 1.91 -8.29
N LEU A 61 13.47 1.98 -6.97
CA LEU A 61 12.46 2.86 -6.40
C LEU A 61 12.95 4.22 -5.97
N ASN A 62 12.20 5.24 -6.43
CA ASN A 62 12.48 6.62 -6.09
C ASN A 62 11.23 7.46 -6.32
N HIS A 63 10.42 7.60 -5.26
CA HIS A 63 9.17 8.34 -5.28
C HIS A 63 8.77 8.70 -3.85
N GLU A 64 8.18 9.91 -3.69
CA GLU A 64 7.72 10.50 -2.42
CA GLU A 64 7.72 10.50 -2.42
C GLU A 64 6.62 9.67 -1.71
N ASN A 65 5.96 8.73 -2.41
CA ASN A 65 4.94 7.88 -1.76
C ASN A 65 5.32 6.41 -1.75
N VAL A 66 6.62 6.14 -1.88
CA VAL A 66 7.22 4.82 -1.85
C VAL A 66 8.38 4.90 -0.85
N VAL A 67 8.42 3.96 0.12
CA VAL A 67 9.47 3.89 1.13
C VAL A 67 10.86 3.86 0.43
N LYS A 68 11.74 4.79 0.83
CA LYS A 68 13.08 4.96 0.27
C LYS A 68 13.98 3.85 0.68
N PHE A 69 14.87 3.48 -0.25
CA PHE A 69 15.88 2.46 -0.01
C PHE A 69 17.23 3.19 0.01
N TYR A 70 17.99 3.04 1.10
CA TYR A 70 19.27 3.74 1.23
C TYR A 70 20.48 2.85 0.91
N GLY A 71 20.31 1.54 1.04
CA GLY A 71 21.33 0.54 0.78
C GLY A 71 21.15 -0.71 1.61
N HIS A 72 22.03 -1.70 1.39
CA HIS A 72 21.98 -2.96 2.12
C HIS A 72 23.38 -3.42 2.55
N ARG A 73 23.46 -4.15 3.66
CA ARG A 73 24.70 -4.69 4.18
C ARG A 73 24.50 -6.14 4.59
N ARG A 74 25.48 -7.01 4.28
CA ARG A 74 25.42 -8.43 4.61
C ARG A 74 26.49 -8.79 5.65
N GLU A 75 26.07 -9.33 6.79
CA GLU A 75 26.96 -9.82 7.86
C GLU A 75 26.85 -11.35 7.87
N GLY A 76 27.53 -11.97 6.91
CA GLY A 76 27.55 -13.41 6.72
C GLY A 76 26.22 -13.97 6.23
N ASN A 77 25.39 -14.45 7.18
CA ASN A 77 24.07 -15.03 6.92
C ASN A 77 22.93 -14.00 7.06
N ILE A 78 23.19 -12.86 7.73
CA ILE A 78 22.16 -11.83 7.96
C ILE A 78 22.23 -10.69 6.92
N GLN A 79 21.07 -10.34 6.35
CA GLN A 79 20.90 -9.22 5.42
C GLN A 79 20.29 -8.03 6.17
N TYR A 80 20.88 -6.84 6.02
CA TYR A 80 20.42 -5.59 6.63
C TYR A 80 19.95 -4.65 5.52
N LEU A 81 18.65 -4.30 5.53
CA LEU A 81 18.10 -3.38 4.54
C LEU A 81 17.86 -2.04 5.22
N PHE A 82 18.50 -0.97 4.72
CA PHE A 82 18.38 0.40 5.23
C PHE A 82 17.27 1.08 4.47
N LEU A 83 16.16 1.28 5.16
CA LEU A 83 14.91 1.81 4.61
C LEU A 83 14.41 3.02 5.36
N GLU A 84 13.59 3.83 4.67
CA GLU A 84 13.00 5.06 5.20
C GLU A 84 12.26 4.83 6.52
N TYR A 85 12.53 5.68 7.53
CA TYR A 85 11.79 5.64 8.79
C TYR A 85 10.58 6.54 8.69
N CYS A 86 9.41 5.97 8.95
CA CYS A 86 8.11 6.67 8.87
C CYS A 86 7.54 6.70 10.30
N SER A 87 7.80 7.80 11.03
CA SER A 87 7.41 7.98 12.44
C SER A 87 5.88 7.92 12.71
N GLY A 88 5.06 8.10 11.68
CA GLY A 88 3.60 8.05 11.79
C GLY A 88 3.02 6.66 11.94
N GLY A 89 3.85 5.66 11.69
CA GLY A 89 3.49 4.25 11.78
C GLY A 89 2.66 3.79 10.60
N GLU A 90 1.88 2.74 10.80
CA GLU A 90 1.05 2.15 9.75
C GLU A 90 -0.30 2.85 9.64
N LEU A 91 -0.82 2.91 8.40
CA LEU A 91 -2.16 3.43 8.09
C LEU A 91 -3.21 2.62 8.89
N PHE A 92 -2.91 1.33 9.11
CA PHE A 92 -3.75 0.40 9.87
C PHE A 92 -4.20 1.01 11.21
N ASP A 93 -3.30 1.66 11.95
CA ASP A 93 -3.61 2.23 13.27
C ASP A 93 -4.28 3.60 13.24
N ARG A 94 -4.62 4.10 12.05
CA ARG A 94 -5.38 5.35 11.90
C ARG A 94 -6.81 5.01 11.59
N ILE A 95 -7.08 3.70 11.35
CA ILE A 95 -8.41 3.20 11.04
C ILE A 95 -9.06 2.79 12.36
N GLU A 96 -10.19 3.41 12.70
CA GLU A 96 -10.88 3.08 13.95
C GLU A 96 -11.80 1.89 13.66
N PRO A 97 -11.67 0.77 14.41
CA PRO A 97 -12.53 -0.41 14.15
C PRO A 97 -14.02 -0.07 14.10
N ASP A 98 -14.67 -0.55 13.02
CA ASP A 98 -16.09 -0.36 12.66
C ASP A 98 -16.50 1.11 12.42
N ILE A 99 -15.54 2.05 12.36
CA ILE A 99 -15.83 3.49 12.10
C ILE A 99 -15.10 3.98 10.83
N GLY A 100 -13.79 3.76 10.81
CA GLY A 100 -12.87 4.19 9.76
C GLY A 100 -12.14 5.43 10.19
N MET A 101 -12.26 6.49 9.41
CA MET A 101 -11.64 7.80 9.65
C MET A 101 -12.43 8.88 8.89
N PRO A 102 -12.22 10.20 9.16
CA PRO A 102 -12.96 11.22 8.40
C PRO A 102 -12.72 11.06 6.90
N GLU A 103 -13.78 11.19 6.10
CA GLU A 103 -13.74 11.02 4.66
C GLU A 103 -12.66 11.91 3.97
N PRO A 104 -12.41 13.20 4.36
CA PRO A 104 -11.32 13.97 3.71
C PRO A 104 -9.93 13.37 3.97
N ASP A 105 -9.68 12.82 5.17
CA ASP A 105 -8.40 12.15 5.48
C ASP A 105 -8.20 10.93 4.58
N ALA A 106 -9.25 10.10 4.44
CA ALA A 106 -9.21 8.90 3.57
C ALA A 106 -9.01 9.30 2.10
N GLN A 107 -9.66 10.41 1.64
CA GLN A 107 -9.48 10.91 0.27
C GLN A 107 -8.03 11.31 0.04
N ARG A 108 -7.43 12.08 0.99
CA ARG A 108 -6.03 12.47 0.90
C ARG A 108 -5.12 11.22 0.90
N PHE A 109 -5.36 10.24 1.81
CA PHE A 109 -4.53 9.03 1.81
C PHE A 109 -4.69 8.26 0.50
N PHE A 110 -5.94 8.18 -0.04
CA PHE A 110 -6.21 7.49 -1.31
C PHE A 110 -5.50 8.23 -2.51
N HIS A 111 -5.45 9.57 -2.49
CA HIS A 111 -4.72 10.33 -3.53
C HIS A 111 -3.23 9.90 -3.56
N GLN A 112 -2.61 9.87 -2.38
CA GLN A 112 -1.21 9.54 -2.20
C GLN A 112 -0.93 8.08 -2.53
N LEU A 113 -1.86 7.18 -2.23
CA LEU A 113 -1.75 5.76 -2.57
C LEU A 113 -1.75 5.59 -4.12
N MET A 114 -2.64 6.32 -4.82
CA MET A 114 -2.72 6.28 -6.29
C MET A 114 -1.44 6.78 -6.93
N ALA A 115 -0.85 7.87 -6.39
CA ALA A 115 0.41 8.43 -6.89
C ALA A 115 1.56 7.41 -6.78
N GLY A 116 1.61 6.71 -5.66
CA GLY A 116 2.60 5.66 -5.44
C GLY A 116 2.43 4.47 -6.37
N VAL A 117 1.19 3.99 -6.54
CA VAL A 117 0.84 2.84 -7.39
C VAL A 117 1.04 3.20 -8.88
N VAL A 118 0.65 4.44 -9.32
CA VAL A 118 0.88 4.94 -10.69
C VAL A 118 2.38 4.87 -10.99
N TYR A 119 3.19 5.26 -10.00
CA TYR A 119 4.64 5.29 -10.12
C TYR A 119 5.18 3.89 -10.32
N LEU A 120 4.81 2.97 -9.42
CA LEU A 120 5.24 1.56 -9.47
C LEU A 120 4.83 0.91 -10.81
N HIS A 121 3.56 1.07 -11.20
CA HIS A 121 3.07 0.51 -12.45
C HIS A 121 3.78 1.15 -13.68
N GLY A 122 4.10 2.43 -13.60
CA GLY A 122 4.83 3.15 -14.67
C GLY A 122 6.21 2.60 -14.93
N ILE A 123 6.89 2.10 -13.87
CA ILE A 123 8.21 1.48 -14.00
C ILE A 123 8.07 -0.06 -14.05
N GLY A 124 6.85 -0.56 -14.21
CA GLY A 124 6.58 -1.98 -14.41
C GLY A 124 6.69 -2.87 -13.20
N ILE A 125 6.43 -2.31 -12.01
CA ILE A 125 6.45 -3.06 -10.75
C ILE A 125 5.02 -3.17 -10.17
N THR A 126 4.66 -4.37 -9.74
CA THR A 126 3.42 -4.62 -9.00
C THR A 126 3.81 -5.00 -7.58
N HIS A 127 3.18 -4.36 -6.58
CA HIS A 127 3.47 -4.58 -5.16
C HIS A 127 2.96 -5.98 -4.73
N ARG A 128 1.71 -6.32 -5.13
CA ARG A 128 0.99 -7.59 -4.93
C ARG A 128 0.51 -7.84 -3.46
N ASP A 129 0.73 -6.88 -2.53
CA ASP A 129 0.29 -7.04 -1.14
C ASP A 129 -0.08 -5.68 -0.49
N ILE A 130 -0.85 -4.86 -1.24
CA ILE A 130 -1.32 -3.56 -0.73
C ILE A 130 -2.38 -3.83 0.33
N LYS A 131 -2.15 -3.25 1.51
CA LYS A 131 -3.02 -3.34 2.68
C LYS A 131 -2.56 -2.30 3.67
N PRO A 132 -3.39 -1.89 4.66
CA PRO A 132 -3.01 -0.77 5.56
C PRO A 132 -1.76 -1.02 6.43
N GLU A 133 -1.42 -2.29 6.68
CA GLU A 133 -0.20 -2.68 7.40
C GLU A 133 1.04 -2.32 6.58
N ASN A 134 0.90 -2.22 5.23
CA ASN A 134 2.03 -1.93 4.32
C ASN A 134 2.02 -0.51 3.82
N LEU A 135 1.21 0.35 4.42
CA LEU A 135 1.14 1.76 4.03
C LEU A 135 1.57 2.53 5.25
N LEU A 136 2.73 3.16 5.18
CA LEU A 136 3.32 3.86 6.32
C LEU A 136 3.14 5.35 6.21
N LEU A 137 3.18 6.03 7.36
CA LEU A 137 2.99 7.47 7.40
C LEU A 137 4.22 8.19 7.97
N ASP A 138 4.68 9.26 7.33
CA ASP A 138 5.81 10.02 7.88
C ASP A 138 5.25 11.00 8.96
N GLU A 139 6.10 11.93 9.47
CA GLU A 139 5.72 12.92 10.50
C GLU A 139 4.59 13.86 10.04
N ARG A 140 4.49 14.14 8.72
CA ARG A 140 3.44 14.99 8.12
C ARG A 140 2.24 14.17 7.58
N ASP A 141 2.12 12.89 7.97
CA ASP A 141 1.03 11.98 7.53
C ASP A 141 1.04 11.76 6.00
N ASN A 142 2.23 11.79 5.38
CA ASN A 142 2.39 11.45 3.95
C ASN A 142 2.53 9.96 3.87
N LEU A 143 1.70 9.35 3.03
CA LEU A 143 1.64 7.91 2.84
C LEU A 143 2.85 7.42 2.04
N LYS A 144 3.38 6.25 2.43
CA LYS A 144 4.51 5.58 1.79
C LYS A 144 4.20 4.11 1.62
N ILE A 145 4.28 3.59 0.40
CA ILE A 145 4.07 2.17 0.13
C ILE A 145 5.32 1.44 0.64
N SER A 146 5.13 0.40 1.48
CA SER A 146 6.27 -0.33 2.04
CA SER A 146 6.21 -0.34 2.12
C SER A 146 6.21 -1.84 1.80
N ASP A 147 7.38 -2.50 1.98
CA ASP A 147 7.59 -3.93 1.86
C ASP A 147 7.37 -4.48 0.45
N PHE A 148 8.48 -4.65 -0.28
CA PHE A 148 8.52 -5.14 -1.65
C PHE A 148 8.96 -6.61 -1.69
N GLY A 149 8.71 -7.31 -0.58
CA GLY A 149 8.99 -8.74 -0.42
C GLY A 149 8.19 -9.63 -1.36
N LEU A 150 6.97 -9.22 -1.77
CA LEU A 150 6.12 -10.00 -2.69
C LEU A 150 6.02 -9.34 -4.06
N ALA A 151 6.69 -8.18 -4.23
CA ALA A 151 6.66 -7.41 -5.47
C ALA A 151 7.35 -8.12 -6.61
N THR A 152 6.98 -7.84 -7.87
CA THR A 152 7.64 -8.42 -9.04
C THR A 152 7.52 -7.46 -10.23
N VAL A 153 8.35 -7.69 -11.25
CA VAL A 153 8.36 -6.93 -12.49
C VAL A 153 7.35 -7.59 -13.37
N PHE A 154 6.30 -6.84 -13.79
CA PHE A 154 5.25 -7.36 -14.66
C PHE A 154 5.42 -6.82 -16.08
N ARG A 155 6.32 -5.84 -16.28
CA ARG A 155 6.57 -5.27 -17.61
C ARG A 155 8.05 -5.03 -17.78
N TYR A 156 8.61 -5.63 -18.84
CA TYR A 156 10.04 -5.51 -19.13
C TYR A 156 10.22 -5.39 -20.63
N ASN A 157 11.05 -4.40 -21.08
CA ASN A 157 11.27 -4.14 -22.52
C ASN A 157 9.95 -3.90 -23.22
N ASN A 158 9.04 -3.17 -22.52
CA ASN A 158 7.69 -2.79 -22.96
CA ASN A 158 7.70 -2.80 -23.01
C ASN A 158 6.82 -4.04 -23.28
N ARG A 159 7.15 -5.21 -22.72
CA ARG A 159 6.34 -6.41 -22.91
C ARG A 159 5.73 -6.80 -21.56
N GLU A 160 4.40 -6.87 -21.50
CA GLU A 160 3.73 -7.25 -20.27
C GLU A 160 3.80 -8.74 -20.06
N ARG A 161 4.05 -9.20 -18.84
CA ARG A 161 3.98 -10.63 -18.57
C ARG A 161 2.82 -10.85 -17.60
N LEU A 162 1.96 -11.83 -17.96
CA LEU A 162 0.81 -12.19 -17.17
C LEU A 162 1.27 -12.92 -15.94
N LEU A 163 0.59 -12.73 -14.83
CA LEU A 163 1.01 -13.39 -13.59
C LEU A 163 0.18 -14.62 -13.34
N ASN A 164 0.69 -15.55 -12.54
CA ASN A 164 -0.05 -16.76 -12.15
C ASN A 164 0.16 -17.08 -10.66
N LYS A 165 1.19 -16.51 -10.03
CA LYS A 165 1.50 -16.78 -8.63
C LYS A 165 0.40 -16.22 -7.74
N MET A 166 -0.13 -17.09 -6.88
CA MET A 166 -1.15 -16.74 -5.89
C MET A 166 -0.44 -16.17 -4.69
N CYS A 167 -0.64 -14.88 -4.44
CA CYS A 167 -0.02 -14.23 -3.29
C CYS A 167 -0.76 -12.96 -2.94
N GLY A 168 -0.44 -12.43 -1.77
CA GLY A 168 -1.09 -11.27 -1.17
C GLY A 168 -1.70 -11.68 0.14
N THR A 169 -2.85 -11.08 0.49
CA THR A 169 -3.59 -11.32 1.74
C THR A 169 -5.04 -11.47 1.33
N LEU A 170 -5.67 -12.62 1.68
CA LEU A 170 -7.01 -12.99 1.24
C LEU A 170 -8.10 -11.87 1.28
N PRO A 171 -8.32 -11.08 2.37
CA PRO A 171 -9.36 -10.04 2.30
C PRO A 171 -9.12 -8.95 1.24
N TYR A 172 -7.85 -8.75 0.81
CA TYR A 172 -7.44 -7.74 -0.17
C TYR A 172 -7.18 -8.29 -1.58
N VAL A 173 -7.22 -9.60 -1.79
CA VAL A 173 -6.90 -10.16 -3.11
CA VAL A 173 -6.89 -10.19 -3.09
C VAL A 173 -8.07 -10.04 -4.07
N ALA A 174 -7.74 -9.82 -5.35
CA ALA A 174 -8.73 -9.68 -6.43
C ALA A 174 -9.34 -11.07 -6.72
N PRO A 175 -10.62 -11.18 -7.12
CA PRO A 175 -11.22 -12.52 -7.35
C PRO A 175 -10.60 -13.33 -8.49
N GLU A 176 -9.91 -12.69 -9.49
CA GLU A 176 -9.31 -13.44 -10.62
C GLU A 176 -8.14 -14.34 -10.14
N LEU A 177 -7.46 -13.95 -9.02
CA LEU A 177 -6.36 -14.71 -8.45
CA LEU A 177 -6.36 -14.76 -8.45
C LEU A 177 -6.89 -16.06 -7.91
N LEU A 178 -8.16 -16.08 -7.47
CA LEU A 178 -8.79 -17.31 -6.97
C LEU A 178 -9.54 -18.07 -8.10
N LYS A 179 -9.82 -17.43 -9.23
CA LYS A 179 -10.64 -18.09 -10.26
C LYS A 179 -9.89 -18.45 -11.53
N ARG A 180 -8.87 -17.67 -11.88
CA ARG A 180 -8.17 -17.84 -13.15
C ARG A 180 -6.75 -18.28 -12.96
N ARG A 181 -6.20 -19.02 -13.94
CA ARG A 181 -4.82 -19.48 -13.89
C ARG A 181 -3.87 -18.30 -14.09
N GLU A 182 -4.18 -17.40 -15.05
CA GLU A 182 -3.38 -16.20 -15.35
C GLU A 182 -4.23 -14.96 -15.26
N PHE A 183 -3.57 -13.83 -14.95
CA PHE A 183 -4.22 -12.55 -14.75
C PHE A 183 -3.25 -11.39 -14.94
N HIS A 184 -3.80 -10.23 -15.34
CA HIS A 184 -3.02 -9.02 -15.50
C HIS A 184 -2.67 -8.47 -14.12
N ALA A 185 -1.42 -7.99 -13.95
CA ALA A 185 -0.91 -7.48 -12.67
C ALA A 185 -1.62 -6.21 -12.15
N GLU A 186 -1.82 -5.18 -12.99
CA GLU A 186 -2.34 -3.86 -12.57
C GLU A 186 -3.76 -3.91 -11.97
N PRO A 187 -4.77 -4.59 -12.55
CA PRO A 187 -6.09 -4.64 -11.89
C PRO A 187 -6.08 -5.28 -10.51
N VAL A 188 -5.07 -6.11 -10.21
CA VAL A 188 -4.96 -6.78 -8.92
C VAL A 188 -4.62 -5.72 -7.81
N ASP A 189 -3.65 -4.81 -8.08
CA ASP A 189 -3.29 -3.72 -7.15
C ASP A 189 -4.43 -2.69 -7.03
N VAL A 190 -5.14 -2.41 -8.14
CA VAL A 190 -6.32 -1.52 -8.16
C VAL A 190 -7.39 -2.08 -7.16
N TRP A 191 -7.68 -3.40 -7.24
CA TRP A 191 -8.64 -4.06 -6.35
C TRP A 191 -8.25 -3.86 -4.87
N SER A 192 -7.00 -4.20 -4.51
CA SER A 192 -6.51 -4.09 -3.13
C SER A 192 -6.58 -2.62 -2.63
N CYS A 193 -6.37 -1.62 -3.50
CA CYS A 193 -6.53 -0.19 -3.12
C CYS A 193 -8.01 0.11 -2.79
N GLY A 194 -8.92 -0.54 -3.52
CA GLY A 194 -10.36 -0.41 -3.26
C GLY A 194 -10.75 -0.97 -1.90
N ILE A 195 -10.11 -2.07 -1.49
CA ILE A 195 -10.37 -2.69 -0.17
C ILE A 195 -9.78 -1.77 0.92
N VAL A 196 -8.59 -1.18 0.65
CA VAL A 196 -8.00 -0.19 1.57
C VAL A 196 -8.96 0.99 1.75
N LEU A 197 -9.52 1.49 0.63
CA LEU A 197 -10.45 2.62 0.68
C LEU A 197 -11.71 2.22 1.49
N THR A 198 -12.23 1.00 1.26
CA THR A 198 -13.37 0.46 2.02
C THR A 198 -13.04 0.48 3.51
N ALA A 199 -11.86 -0.05 3.91
CA ALA A 199 -11.40 -0.12 5.32
C ALA A 199 -11.31 1.26 5.93
N MET A 200 -10.71 2.24 5.22
CA MET A 200 -10.57 3.63 5.69
C MET A 200 -11.93 4.32 5.92
N LEU A 201 -12.95 3.98 5.13
CA LEU A 201 -14.26 4.66 5.25
C LEU A 201 -15.26 3.91 6.14
N ALA A 202 -14.98 2.66 6.51
CA ALA A 202 -15.96 1.89 7.28
C ALA A 202 -15.35 1.23 8.53
N GLY A 203 -14.02 1.16 8.62
CA GLY A 203 -13.31 0.52 9.73
C GLY A 203 -13.53 -0.98 9.81
N GLU A 204 -13.89 -1.60 8.67
CA GLU A 204 -14.10 -3.04 8.59
C GLU A 204 -13.85 -3.53 7.14
N LEU A 205 -13.46 -4.78 7.02
CA LEU A 205 -13.19 -5.42 5.74
C LEU A 205 -14.47 -6.04 5.21
N PRO A 206 -14.80 -5.92 3.91
CA PRO A 206 -16.12 -6.42 3.45
C PRO A 206 -16.30 -7.95 3.43
N TRP A 207 -15.25 -8.73 3.20
CA TRP A 207 -15.36 -10.21 3.13
C TRP A 207 -14.02 -10.86 3.51
N ASP A 208 -14.05 -12.14 3.92
CA ASP A 208 -12.88 -12.96 4.25
C ASP A 208 -11.99 -13.17 3.02
N GLN A 209 -12.66 -13.29 1.84
CA GLN A 209 -12.05 -13.50 0.52
C GLN A 209 -13.12 -13.26 -0.60
N PRO A 210 -12.73 -12.80 -1.82
CA PRO A 210 -13.75 -12.52 -2.85
C PRO A 210 -14.17 -13.77 -3.67
N SER A 211 -14.98 -14.65 -3.07
CA SER A 211 -15.49 -15.85 -3.75
C SER A 211 -17.01 -15.95 -3.58
N ASP A 212 -17.71 -16.64 -4.50
CA ASP A 212 -19.17 -16.83 -4.45
C ASP A 212 -19.59 -17.59 -3.19
N SER A 213 -18.71 -18.48 -2.67
CA SER A 213 -18.91 -19.22 -1.42
C SER A 213 -18.93 -18.26 -0.21
N CYS A 214 -18.49 -17.00 -0.40
CA CYS A 214 -18.46 -15.97 0.64
C CYS A 214 -19.73 -15.10 0.48
N GLN A 215 -20.67 -15.23 1.45
CA GLN A 215 -21.98 -14.56 1.46
C GLN A 215 -21.88 -13.05 1.32
N GLU A 216 -20.91 -12.40 2.04
CA GLU A 216 -20.73 -10.94 1.99
C GLU A 216 -20.30 -10.52 0.58
N TYR A 217 -19.52 -11.37 -0.10
CA TYR A 217 -19.08 -11.08 -1.47
C TYR A 217 -20.26 -11.22 -2.45
N SER A 218 -21.10 -12.24 -2.25
CA SER A 218 -22.32 -12.46 -3.06
C SER A 218 -23.27 -11.28 -2.92
N ASP A 219 -23.45 -10.78 -1.68
CA ASP A 219 -24.32 -9.63 -1.36
C ASP A 219 -23.89 -8.36 -2.12
N TRP A 220 -22.55 -8.10 -2.22
CA TRP A 220 -21.99 -6.97 -2.95
C TRP A 220 -22.30 -7.09 -4.45
N LYS A 221 -22.09 -8.28 -5.06
CA LYS A 221 -22.39 -8.47 -6.49
C LYS A 221 -23.90 -8.30 -6.77
N GLU A 222 -24.76 -8.57 -5.77
CA GLU A 222 -26.22 -8.39 -5.86
C GLU A 222 -26.65 -6.97 -5.44
N LYS A 223 -25.67 -6.06 -5.24
CA LYS A 223 -25.81 -4.63 -4.91
C LYS A 223 -26.65 -4.37 -3.62
N LYS A 224 -26.43 -5.19 -2.58
CA LYS A 224 -27.11 -5.05 -1.29
C LYS A 224 -26.30 -4.05 -0.45
N THR A 225 -26.29 -2.78 -0.89
CA THR A 225 -25.49 -1.72 -0.27
C THR A 225 -26.16 -1.12 0.99
N TYR A 226 -27.31 -1.68 1.42
CA TYR A 226 -28.01 -1.29 2.66
C TYR A 226 -27.38 -2.03 3.84
N LEU A 227 -26.49 -3.00 3.53
CA LEU A 227 -25.73 -3.80 4.48
C LEU A 227 -24.36 -3.18 4.78
N ASN A 228 -23.74 -3.59 5.89
CA ASN A 228 -22.39 -3.14 6.26
C ASN A 228 -21.35 -3.88 5.39
N PRO A 229 -20.21 -3.24 4.99
CA PRO A 229 -19.72 -1.89 5.35
C PRO A 229 -20.27 -0.73 4.52
N TRP A 230 -20.93 -1.03 3.40
CA TRP A 230 -21.41 -0.08 2.39
C TRP A 230 -22.37 0.98 2.94
N LYS A 231 -23.22 0.63 3.92
CA LYS A 231 -24.22 1.54 4.49
C LYS A 231 -23.55 2.72 5.23
N LYS A 232 -22.30 2.54 5.68
CA LYS A 232 -21.55 3.58 6.41
C LYS A 232 -20.81 4.51 5.47
N ILE A 233 -20.82 4.21 4.16
CA ILE A 233 -20.03 4.97 3.17
C ILE A 233 -20.96 5.87 2.35
N ASP A 234 -20.59 7.16 2.23
CA ASP A 234 -21.37 8.12 1.44
C ASP A 234 -21.43 7.66 -0.01
N SER A 235 -22.52 8.05 -0.73
CA SER A 235 -22.79 7.64 -2.11
C SER A 235 -21.67 8.03 -3.12
N ALA A 236 -21.04 9.21 -2.98
CA ALA A 236 -19.95 9.63 -3.89
C ALA A 236 -18.74 8.67 -3.78
N PRO A 237 -18.11 8.37 -2.60
CA PRO A 237 -17.03 7.37 -2.60
C PRO A 237 -17.55 5.95 -2.87
N LEU A 238 -18.82 5.67 -2.56
CA LEU A 238 -19.43 4.35 -2.80
C LEU A 238 -19.54 4.08 -4.32
N ALA A 239 -19.89 5.12 -5.12
CA ALA A 239 -19.95 5.03 -6.60
C ALA A 239 -18.56 4.68 -7.15
N LEU A 240 -17.48 5.21 -6.53
CA LEU A 240 -16.10 4.85 -6.91
C LEU A 240 -15.82 3.38 -6.54
N LEU A 241 -16.15 2.96 -5.30
CA LEU A 241 -15.98 1.55 -4.91
C LEU A 241 -16.75 0.61 -5.85
N HIS A 242 -17.94 1.04 -6.35
CA HIS A 242 -18.71 0.23 -7.33
C HIS A 242 -17.90 0.02 -8.60
N LYS A 243 -17.03 0.95 -8.96
CA LYS A 243 -16.21 0.86 -10.18
C LYS A 243 -14.92 0.08 -9.96
N ILE A 244 -14.39 0.10 -8.72
CA ILE A 244 -13.13 -0.61 -8.40
C ILE A 244 -13.41 -2.08 -8.11
N LEU A 245 -14.41 -2.36 -7.29
CA LEU A 245 -14.68 -3.73 -6.85
C LEU A 245 -15.60 -4.47 -7.84
N VAL A 246 -15.14 -4.53 -9.09
CA VAL A 246 -15.79 -5.15 -10.23
C VAL A 246 -15.08 -6.48 -10.46
N GLU A 247 -15.84 -7.59 -10.37
CA GLU A 247 -15.32 -8.96 -10.49
C GLU A 247 -14.45 -9.19 -11.73
N ASN A 248 -14.91 -8.77 -12.92
CA ASN A 248 -14.17 -8.92 -14.17
C ASN A 248 -13.06 -7.89 -14.20
N PRO A 249 -11.77 -8.31 -14.20
CA PRO A 249 -10.66 -7.33 -14.15
C PRO A 249 -10.49 -6.52 -15.45
N SER A 250 -11.04 -7.03 -16.58
CA SER A 250 -11.03 -6.33 -17.86
C SER A 250 -12.03 -5.18 -17.87
N ALA A 251 -13.10 -5.28 -17.05
CA ALA A 251 -14.14 -4.22 -16.94
C ALA A 251 -13.88 -3.30 -15.74
N ARG A 252 -12.97 -3.69 -14.84
CA ARG A 252 -12.60 -2.88 -13.66
C ARG A 252 -12.01 -1.56 -14.09
N ILE A 253 -12.31 -0.49 -13.36
CA ILE A 253 -11.76 0.84 -13.59
C ILE A 253 -10.21 0.81 -13.48
N THR A 254 -9.57 1.57 -14.36
CA THR A 254 -8.11 1.71 -14.40
C THR A 254 -7.79 2.95 -13.61
N ILE A 255 -6.52 3.11 -13.19
CA ILE A 255 -6.09 4.26 -12.43
C ILE A 255 -6.33 5.59 -13.20
N PRO A 256 -6.01 5.74 -14.53
CA PRO A 256 -6.33 7.00 -15.22
C PRO A 256 -7.81 7.39 -15.07
N ASP A 257 -8.72 6.40 -15.04
CA ASP A 257 -10.15 6.66 -14.89
C ASP A 257 -10.52 6.88 -13.41
N ILE A 258 -9.76 6.29 -12.44
CA ILE A 258 -9.96 6.59 -11.00
C ILE A 258 -9.68 8.09 -10.77
N LYS A 259 -8.67 8.65 -11.46
CA LYS A 259 -8.24 10.05 -11.42
C LYS A 259 -9.28 11.04 -11.96
N LYS A 260 -10.26 10.55 -12.74
CA LYS A 260 -11.36 11.34 -13.29
C LYS A 260 -12.67 11.13 -12.51
N ASP A 261 -12.63 10.28 -11.46
CA ASP A 261 -13.83 10.00 -10.65
C ASP A 261 -14.26 11.28 -9.90
N ARG A 262 -15.58 11.44 -9.73
CA ARG A 262 -16.19 12.61 -9.10
C ARG A 262 -15.75 12.75 -7.64
N TRP A 263 -15.87 11.68 -6.81
CA TRP A 263 -15.44 11.77 -5.41
C TRP A 263 -13.93 12.05 -5.32
N TYR A 264 -13.14 11.39 -6.18
CA TYR A 264 -11.69 11.53 -6.25
C TYR A 264 -11.31 13.00 -6.42
N ASN A 265 -12.09 13.74 -7.19
CA ASN A 265 -11.85 15.15 -7.50
C ASN A 265 -12.71 16.13 -6.65
N LYS A 266 -13.44 15.62 -5.67
CA LYS A 266 -14.28 16.43 -4.82
C LYS A 266 -13.45 17.18 -3.76
N PRO A 267 -13.59 18.53 -3.67
CA PRO A 267 -12.86 19.27 -2.63
C PRO A 267 -13.46 18.94 -1.26
N LEU A 268 -12.63 18.37 -0.38
CA LEU A 268 -13.07 17.94 0.95
C LEU A 268 -12.14 18.37 2.05
N LYS A 269 -10.80 18.32 1.81
CA LYS A 269 -9.82 18.54 2.86
C LYS A 269 -8.99 19.80 2.71
N LYS A 270 -8.88 20.52 3.82
CA LYS A 270 -8.06 21.70 3.97
C LYS A 270 -6.62 21.26 4.06
N GLY A 271 -5.69 22.12 3.64
CA GLY A 271 -4.25 21.85 3.78
C GLY A 271 -3.89 21.79 5.25
N ALA A 272 -2.66 21.36 5.56
CA ALA A 272 -2.18 21.25 6.94
C ALA A 272 -2.27 22.60 7.66
N LYS A 273 -2.71 22.58 8.94
CA LYS A 273 -2.84 23.77 9.78
C LYS A 273 -1.49 24.50 9.88
N ARG A 274 -1.44 25.74 9.35
CA ARG A 274 -0.24 26.59 9.29
C ARG A 274 -0.33 27.67 10.40
N PRO A 275 0.80 28.04 11.07
CA PRO A 275 0.71 29.05 12.16
C PRO A 275 0.25 30.42 11.65
N ARG A 276 -0.66 31.05 12.40
CA ARG A 276 -1.25 32.35 12.07
C ARG A 276 -1.57 33.16 13.33
N VAL A 277 -1.61 34.50 13.21
CA VAL A 277 -1.96 35.41 14.31
C VAL A 277 -2.99 36.45 13.80
N THR A 278 -3.73 37.10 14.71
CA THR A 278 -4.72 38.10 14.29
C THR A 278 -4.33 39.52 14.75
N SER A 279 -5.03 40.54 14.19
CA SER A 279 -4.88 41.98 14.40
C SER A 279 -3.55 42.48 13.91
N4 H4K B . 9.58 -3.83 4.53
C6 H4K B . 9.57 -2.85 5.11
C4 H4K B . 9.61 -1.62 5.84
N2 H4K B . 10.22 -0.56 5.26
C3 H4K B . 10.31 0.56 5.99
C5 H4K B . 9.07 -1.54 7.15
N3 H4K B . 9.14 -0.41 7.85
C2 H4K B . 9.76 0.65 7.27
N1 H4K B . 9.82 1.85 8.00
C1 H4K B . 9.27 2.26 9.19
O H4K B . 9.52 3.36 9.67
N5 H4K B . 8.42 1.35 9.76
C7 H4K B . 7.63 1.51 10.91
N6 H4K B . 6.85 0.45 11.19
C15 H4K B . 6.02 0.44 12.20
C14 H4K B . 5.90 1.54 13.09
C9 H4K B . 6.69 2.70 12.82
C8 H4K B . 7.59 2.69 11.73
C13 H4K B . 5.03 1.56 14.20
C12 H4K B . 4.93 2.66 15.00
C11 H4K B . 5.68 3.79 14.74
C10 H4K B . 6.55 3.82 13.68
H2 H4K B . 10.90 1.34 5.51
H3 H4K B . 8.58 -2.37 7.64
H1 H4K B . 10.41 2.53 7.51
H4 H4K B . 8.29 0.43 9.35
H10 H4K B . 5.43 -0.46 12.33
H5 H4K B . 8.20 3.58 11.59
H9 H4K B . 4.44 0.67 14.41
H8 H4K B . 4.24 2.65 15.85
H7 H4K B . 5.58 4.66 15.39
H6 H4K B . 7.15 4.70 13.48
S SO4 C . 6.54 -14.12 -10.02
O1 SO4 C . 6.57 -14.11 -8.54
O2 SO4 C . 7.56 -13.20 -10.49
O3 SO4 C . 6.79 -15.48 -10.50
O4 SO4 C . 5.21 -13.71 -10.48
#